data_2IFX
#
_entry.id   2IFX
#
_cell.length_a   46.060
_cell.length_b   46.060
_cell.length_c   124.160
_cell.angle_alpha   90.000
_cell.angle_beta   90.000
_cell.angle_gamma   90.000
#
_symmetry.space_group_name_H-M   'P 43'
#
loop_
_entity.id
_entity.type
_entity.pdbx_description
1 polymer 'Hypothetical protein'
2 non-polymer 'CHLORIDE ION'
3 non-polymer GLYCEROL
4 water water
#
_entity_poly.entity_id   1
_entity_poly.type   'polypeptide(L)'
_entity_poly.pdbx_seq_one_letter_code
;G(MSE)IRLLYLLVKPAG(MSE)SDETFRAECLRHYE(MSE)SHDVPGLHKYEVRLVAEQPTDTHVPFFDIGHVDAIGEC
WFKDDAAYATY(MSE)ASDIRKAWFEHGKTFIGQLKPFRTAPVAGDEPAS
;
_entity_poly.pdbx_strand_id   A,B
#
# COMPACT_ATOMS: atom_id res chain seq x y z
N GLY A 1 -1.71 11.87 -12.81
CA GLY A 1 -0.34 12.38 -12.51
C GLY A 1 -0.16 12.70 -11.03
N ILE A 3 0.82 12.50 -7.11
CA ILE A 3 1.97 12.10 -6.32
C ILE A 3 1.43 11.23 -5.17
N ARG A 4 2.06 10.09 -4.93
CA ARG A 4 1.61 9.20 -3.89
C ARG A 4 2.74 8.70 -3.01
N LEU A 5 2.53 8.85 -1.71
CA LEU A 5 3.48 8.47 -0.68
C LEU A 5 2.85 7.45 0.25
N LEU A 6 3.56 6.34 0.49
CA LEU A 6 3.09 5.26 1.36
C LEU A 6 3.98 5.08 2.60
N TYR A 7 3.36 5.04 3.77
CA TYR A 7 4.05 4.86 5.04
C TYR A 7 3.70 3.53 5.74
N LEU A 8 4.73 2.82 6.16
CA LEU A 8 4.58 1.62 6.98
C LEU A 8 4.66 2.12 8.43
N LEU A 9 3.60 1.90 9.20
CA LEU A 9 3.48 2.42 10.57
C LEU A 9 3.60 1.35 11.64
N VAL A 10 4.45 1.61 12.64
CA VAL A 10 4.62 0.73 13.79
C VAL A 10 4.09 1.45 15.01
N LYS A 11 3.28 0.76 15.81
CA LYS A 11 2.66 1.34 17.01
C LYS A 11 3.71 1.74 18.03
N PRO A 12 3.66 3.00 18.46
CA PRO A 12 4.55 3.49 19.51
C PRO A 12 4.53 2.60 20.74
N ALA A 13 5.67 2.48 21.40
CA ALA A 13 5.76 1.76 22.66
C ALA A 13 4.92 2.50 23.70
N GLY A 14 4.31 1.76 24.61
CA GLY A 14 3.53 2.35 25.70
C GLY A 14 2.03 2.55 25.47
N SER A 16 -1.81 0.93 23.93
CA SER A 16 -2.54 -0.27 23.55
C SER A 16 -2.93 -0.27 22.07
N ASP A 17 -3.36 -1.43 21.59
CA ASP A 17 -3.87 -1.57 20.24
C ASP A 17 -5.09 -0.65 20.02
N GLU A 18 -5.95 -0.55 21.03
CA GLU A 18 -7.13 0.32 20.98
C GLU A 18 -6.78 1.79 20.87
N THR A 19 -5.83 2.27 21.69
CA THR A 19 -5.38 3.65 21.58
C THR A 19 -4.79 3.93 20.20
N PHE A 20 -3.95 3.01 19.72
CA PHE A 20 -3.34 3.15 18.39
C PHE A 20 -4.40 3.32 17.32
N ARG A 21 -5.38 2.43 17.33
CA ARG A 21 -6.46 2.53 16.33
CA ARG A 21 -6.48 2.50 16.38
C ARG A 21 -7.17 3.88 16.44
N ALA A 22 -7.45 4.34 17.66
CA ALA A 22 -8.09 5.66 17.83
C ALA A 22 -7.19 6.81 17.34
N GLU A 23 -5.88 6.72 17.56
CA GLU A 23 -4.93 7.73 17.08
C GLU A 23 -4.92 7.75 15.54
N CYS A 24 -4.99 6.57 14.94
CA CYS A 24 -5.06 6.48 13.46
C CYS A 24 -6.35 7.13 12.94
N LEU A 25 -7.48 6.85 13.61
CA LEU A 25 -8.75 7.44 13.20
C LEU A 25 -8.69 8.96 13.28
N ARG A 26 -8.18 9.46 14.39
CA ARG A 26 -8.06 10.88 14.57
C ARG A 26 -7.13 11.49 13.53
N HIS A 27 -6.03 10.81 13.27
CA HIS A 27 -5.08 11.27 12.27
C HIS A 27 -5.79 11.41 10.91
N TYR A 28 -6.64 10.44 10.60
CA TYR A 28 -7.43 10.50 9.35
C TYR A 28 -8.37 11.72 9.35
N GLU A 29 -9.08 11.93 10.45
CA GLU A 29 -9.99 13.05 10.51
C GLU A 29 -9.23 14.36 10.33
N SER A 31 -6.61 14.96 8.68
CA SER A 31 -6.05 15.10 7.33
C SER A 31 -6.92 15.96 6.42
N HIS A 32 -8.22 16.04 6.68
CA HIS A 32 -9.12 16.81 5.82
C HIS A 32 -8.82 18.30 5.83
N ASP A 33 -8.13 18.77 6.85
CA ASP A 33 -7.80 20.19 6.96
C ASP A 33 -6.39 20.54 6.52
N VAL A 34 -5.62 19.56 6.05
CA VAL A 34 -4.23 19.82 5.67
C VAL A 34 -4.16 20.34 4.24
N PRO A 35 -3.64 21.57 4.07
CA PRO A 35 -3.49 22.16 2.74
C PRO A 35 -2.53 21.40 1.84
N GLY A 36 -2.88 21.29 0.57
CA GLY A 36 -2.04 20.61 -0.40
C GLY A 36 -2.29 19.12 -0.49
N LEU A 37 -2.90 18.55 0.54
CA LEU A 37 -3.17 17.12 0.59
C LEU A 37 -4.48 16.78 -0.09
N HIS A 38 -4.42 16.02 -1.16
CA HIS A 38 -5.63 15.67 -1.90
C HIS A 38 -6.47 14.62 -1.20
N LYS A 39 -5.82 13.63 -0.61
CA LYS A 39 -6.49 12.50 -0.03
C LYS A 39 -5.52 11.83 0.94
N TYR A 40 -6.05 11.23 2.00
CA TYR A 40 -5.25 10.46 2.96
C TYR A 40 -6.05 9.21 3.28
N GLU A 41 -5.33 8.13 3.53
CA GLU A 41 -5.95 6.88 3.94
C GLU A 41 -5.03 6.20 4.95
N VAL A 42 -5.62 5.63 5.98
CA VAL A 42 -4.86 4.86 6.95
C VAL A 42 -5.69 3.60 7.26
N ARG A 43 -5.01 2.46 7.20
CA ARG A 43 -5.63 1.17 7.44
CA ARG A 43 -5.63 1.18 7.45
C ARG A 43 -4.74 0.35 8.36
N LEU A 44 -5.36 -0.50 9.17
CA LEU A 44 -4.62 -1.38 10.04
C LEU A 44 -4.18 -2.58 9.25
N VAL A 45 -3.09 -3.20 9.67
CA VAL A 45 -2.71 -4.49 9.12
C VAL A 45 -3.42 -5.49 10.02
N ALA A 46 -4.34 -6.25 9.43
CA ALA A 46 -5.14 -7.22 10.15
C ALA A 46 -4.41 -8.56 10.21
N GLU A 47 -3.59 -8.83 9.19
CA GLU A 47 -2.91 -10.11 9.04
C GLU A 47 -1.63 -9.91 8.23
N GLN A 48 -0.67 -10.81 8.44
CA GLN A 48 0.61 -10.75 7.76
C GLN A 48 0.94 -12.18 7.41
N PRO A 49 0.17 -12.76 6.46
CA PRO A 49 0.46 -14.15 6.06
C PRO A 49 1.83 -14.26 5.38
N HIS A 53 3.50 -18.62 -2.37
CA HIS A 53 4.04 -19.50 -3.42
C HIS A 53 5.13 -18.76 -4.25
N VAL A 54 5.54 -17.61 -3.74
CA VAL A 54 6.65 -16.82 -4.26
C VAL A 54 7.44 -16.53 -2.99
N PRO A 55 8.77 -16.77 -3.00
CA PRO A 55 9.61 -16.57 -1.81
C PRO A 55 9.16 -15.42 -0.89
N PHE A 56 9.19 -15.67 0.41
CA PHE A 56 8.74 -14.71 1.40
C PHE A 56 9.77 -13.57 1.57
N PHE A 57 9.27 -12.36 1.76
CA PHE A 57 10.10 -11.17 1.93
C PHE A 57 10.10 -10.73 3.40
N ASP A 58 11.26 -10.87 4.06
CA ASP A 58 11.41 -10.53 5.48
C ASP A 58 11.64 -9.05 5.73
N ILE A 59 10.64 -8.42 6.33
CA ILE A 59 10.72 -7.04 6.80
C ILE A 59 10.15 -7.09 8.21
N GLY A 60 10.30 -6.02 8.97
CA GLY A 60 9.78 -6.01 10.34
C GLY A 60 8.27 -6.12 10.48
N HIS A 61 7.80 -6.04 11.72
CA HIS A 61 6.37 -6.06 12.02
C HIS A 61 5.80 -4.69 11.67
N VAL A 62 4.63 -4.66 11.03
CA VAL A 62 3.96 -3.42 10.63
C VAL A 62 2.57 -3.44 11.21
N ASP A 63 2.12 -2.35 11.80
CA ASP A 63 0.77 -2.28 12.41
C ASP A 63 -0.29 -1.57 11.59
N ALA A 64 0.13 -0.61 10.77
CA ALA A 64 -0.79 0.10 9.90
C ALA A 64 -0.07 0.62 8.68
N ILE A 65 -0.84 1.09 7.70
CA ILE A 65 -0.29 1.69 6.51
C ILE A 65 -1.04 2.98 6.22
N GLY A 66 -0.27 4.06 6.05
CA GLY A 66 -0.81 5.37 5.71
C GLY A 66 -0.38 5.71 4.30
N GLU A 67 -1.25 6.40 3.56
CA GLU A 67 -0.98 6.78 2.20
C GLU A 67 -1.49 8.19 1.97
N CYS A 68 -0.67 8.98 1.30
CA CYS A 68 -0.97 10.37 0.94
C CYS A 68 -1.03 10.57 -0.54
N TRP A 69 -1.99 11.37 -1.00
CA TRP A 69 -2.12 11.72 -2.41
C TRP A 69 -1.97 13.24 -2.57
N PHE A 70 -1.23 13.67 -3.59
CA PHE A 70 -1.07 15.11 -3.89
C PHE A 70 -1.32 15.29 -5.36
N LYS A 71 -2.12 16.29 -5.72
CA LYS A 71 -2.44 16.55 -7.14
C LYS A 71 -1.21 16.82 -8.00
N ASP A 72 -0.31 17.67 -7.51
CA ASP A 72 0.87 18.06 -8.27
C ASP A 72 1.96 18.62 -7.36
N ASP A 73 3.09 18.97 -7.97
CA ASP A 73 4.24 19.53 -7.24
C ASP A 73 3.88 20.79 -6.47
N ALA A 74 3.04 21.62 -7.07
CA ALA A 74 2.58 22.85 -6.44
C ALA A 74 1.87 22.54 -5.12
N ALA A 75 0.97 21.55 -5.15
CA ALA A 75 0.21 21.14 -3.96
C ALA A 75 1.15 20.62 -2.90
N TYR A 76 2.13 19.85 -3.34
CA TYR A 76 3.09 19.29 -2.41
C TYR A 76 3.90 20.39 -1.74
N ALA A 77 4.25 21.42 -2.51
CA ALA A 77 4.98 22.55 -1.96
C ALA A 77 4.15 23.27 -0.88
N THR A 78 2.87 23.48 -1.16
CA THR A 78 1.97 24.12 -0.20
C THR A 78 1.91 23.28 1.06
N TYR A 79 1.79 21.98 0.86
CA TYR A 79 1.73 21.02 1.95
C TYR A 79 2.97 21.11 2.82
N ALA A 81 5.03 23.64 3.15
CA ALA A 81 5.17 24.96 3.80
C ALA A 81 4.13 25.24 4.89
N SER A 82 3.13 24.38 4.99
CA SER A 82 1.99 24.59 5.89
C SER A 82 2.19 24.25 7.37
N ASP A 83 1.88 25.19 8.27
CA ASP A 83 1.96 24.92 9.71
C ASP A 83 0.93 23.88 10.16
N ILE A 84 -0.22 23.84 9.50
CA ILE A 84 -1.23 22.83 9.79
C ILE A 84 -0.68 21.45 9.43
N ARG A 85 0.01 21.35 8.30
CA ARG A 85 0.62 20.09 7.91
C ARG A 85 1.63 19.71 8.96
N LYS A 86 2.42 20.69 9.39
CA LYS A 86 3.44 20.43 10.39
C LYS A 86 2.88 19.88 11.71
N ALA A 87 1.77 20.44 12.20
CA ALA A 87 1.11 19.97 13.43
C ALA A 87 0.58 18.55 13.25
N TRP A 88 0.06 18.26 12.07
CA TRP A 88 -0.44 16.94 11.74
C TRP A 88 0.73 15.93 11.74
N PHE A 89 1.88 16.29 11.18
CA PHE A 89 3.08 15.42 11.23
C PHE A 89 3.51 15.09 12.65
N GLU A 90 3.42 16.06 13.55
CA GLU A 90 3.82 15.81 14.92
C GLU A 90 2.90 14.75 15.52
N HIS A 91 1.61 14.85 15.23
CA HIS A 91 0.70 13.84 15.72
C HIS A 91 1.04 12.46 15.15
N GLY A 92 1.27 12.38 13.85
CA GLY A 92 1.61 11.12 13.20
C GLY A 92 2.90 10.50 13.72
N LYS A 93 3.89 11.36 13.89
CA LYS A 93 5.20 10.95 14.30
C LYS A 93 5.16 10.34 15.70
N THR A 94 4.57 11.10 16.61
CA THR A 94 4.53 10.72 17.99
C THR A 94 3.51 9.65 18.31
N PHE A 95 2.33 9.69 17.69
CA PHE A 95 1.23 8.80 18.09
C PHE A 95 0.88 7.66 17.18
N ILE A 96 1.31 7.69 15.91
CA ILE A 96 1.04 6.55 15.04
C ILE A 96 2.32 5.99 14.39
N GLY A 97 3.49 6.49 14.80
CA GLY A 97 4.75 5.95 14.31
C GLY A 97 5.18 6.26 12.89
N GLN A 98 4.70 7.38 12.36
CA GLN A 98 5.08 7.82 11.05
C GLN A 98 6.57 8.09 10.97
N LEU A 99 7.21 7.52 9.98
CA LEU A 99 8.62 7.78 9.76
C LEU A 99 8.70 8.36 8.35
N LYS A 100 9.44 7.71 7.46
CA LYS A 100 9.61 8.22 6.11
C LYS A 100 8.85 7.32 5.15
N PRO A 101 8.27 7.92 4.11
CA PRO A 101 7.46 7.16 3.16
C PRO A 101 8.17 6.54 1.95
N PHE A 102 7.50 5.58 1.32
CA PHE A 102 7.89 5.08 0.00
C PHE A 102 7.25 6.06 -0.98
N ARG A 103 7.95 6.51 -2.00
CA ARG A 103 7.29 7.32 -3.02
C ARG A 103 7.01 6.35 -4.14
N THR A 104 5.79 6.32 -4.64
CA THR A 104 5.44 5.36 -5.70
C THR A 104 5.11 6.05 -7.02
N ALA A 105 5.26 5.31 -8.12
CA ALA A 105 4.99 5.78 -9.49
C ALA A 105 4.14 4.74 -10.25
N PRO A 106 3.34 5.21 -11.22
CA PRO A 106 2.52 4.29 -12.00
C PRO A 106 3.40 3.46 -12.91
N VAL A 107 2.96 2.27 -13.29
CA VAL A 107 3.78 1.41 -14.16
C VAL A 107 3.59 1.69 -15.65
N ALA A 108 2.59 2.51 -16.00
CA ALA A 108 2.42 2.85 -17.42
C ALA A 108 3.21 4.11 -17.78
N GLY A 109 3.71 4.14 -19.02
CA GLY A 109 4.51 5.25 -19.58
C GLY A 109 4.96 6.37 -18.65
N GLY B 1 -17.71 -2.95 2.69
CA GLY B 1 -17.10 -4.20 3.27
C GLY B 1 -16.17 -4.91 2.30
N ILE B 3 -12.74 -6.39 0.84
CA ILE B 3 -11.50 -7.01 1.29
C ILE B 3 -10.33 -6.42 0.49
N ARG B 4 -9.27 -6.02 1.20
CA ARG B 4 -8.09 -5.44 0.56
C ARG B 4 -6.78 -6.08 1.01
N LEU B 5 -6.01 -6.59 0.05
CA LEU B 5 -4.76 -7.23 0.31
C LEU B 5 -3.69 -6.36 -0.37
N LEU B 6 -2.59 -6.13 0.34
CA LEU B 6 -1.48 -5.31 -0.13
C LEU B 6 -0.26 -6.17 -0.18
N TYR B 7 0.59 -5.94 -1.18
CA TYR B 7 1.78 -6.71 -1.39
C TYR B 7 3.01 -5.84 -1.66
N LEU B 8 4.09 -6.11 -0.93
CA LEU B 8 5.36 -5.49 -1.21
C LEU B 8 6.02 -6.48 -2.17
N LEU B 9 6.47 -6.00 -3.34
CA LEU B 9 7.07 -6.88 -4.33
C LEU B 9 8.54 -6.56 -4.57
N VAL B 10 9.36 -7.62 -4.66
CA VAL B 10 10.78 -7.46 -4.98
C VAL B 10 11.00 -8.20 -6.30
N LYS B 11 11.75 -7.60 -7.21
CA LYS B 11 11.97 -8.23 -8.50
C LYS B 11 12.98 -9.37 -8.40
N PRO B 12 12.88 -10.34 -9.31
CA PRO B 12 13.78 -11.47 -9.38
C PRO B 12 15.21 -11.05 -9.57
N ALA B 13 16.11 -11.90 -9.08
CA ALA B 13 17.52 -11.69 -9.19
C ALA B 13 17.89 -11.58 -10.66
N GLY B 14 18.59 -10.50 -11.01
CA GLY B 14 19.11 -10.35 -12.37
C GLY B 14 18.18 -9.72 -13.38
N SER B 16 15.98 -6.81 -15.17
CA SER B 16 16.15 -5.37 -15.40
C SER B 16 14.92 -4.62 -14.90
N ASP B 17 15.12 -3.37 -14.51
CA ASP B 17 14.00 -2.51 -14.13
C ASP B 17 13.01 -2.40 -15.28
N GLU B 18 13.56 -2.35 -16.47
CA GLU B 18 12.79 -2.25 -17.68
C GLU B 18 11.80 -3.42 -17.80
N THR B 19 12.32 -4.64 -17.68
CA THR B 19 11.51 -5.84 -17.79
C THR B 19 10.56 -5.95 -16.60
N PHE B 20 11.03 -5.61 -15.40
CA PHE B 20 10.14 -5.65 -14.24
C PHE B 20 8.92 -4.73 -14.41
N ARG B 21 9.13 -3.49 -14.85
CA ARG B 21 8.00 -2.56 -15.06
C ARG B 21 7.02 -3.07 -16.11
N ALA B 22 7.56 -3.61 -17.20
CA ALA B 22 6.74 -4.16 -18.27
C ALA B 22 5.92 -5.35 -17.79
N GLU B 23 6.51 -6.20 -16.94
CA GLU B 23 5.77 -7.36 -16.44
C GLU B 23 4.70 -6.93 -15.41
N CYS B 24 4.97 -5.87 -14.64
CA CYS B 24 3.97 -5.34 -13.72
C CYS B 24 2.78 -4.84 -14.52
N LEU B 25 3.07 -4.16 -15.64
CA LEU B 25 2.02 -3.63 -16.49
C LEU B 25 1.22 -4.78 -17.10
N ARG B 26 1.90 -5.80 -17.62
CA ARG B 26 1.21 -7.00 -18.13
C ARG B 26 0.34 -7.60 -17.03
N HIS B 27 0.87 -7.68 -15.81
CA HIS B 27 0.13 -8.24 -14.68
C HIS B 27 -1.13 -7.43 -14.43
N TYR B 28 -0.99 -6.11 -14.49
CA TYR B 28 -2.14 -5.23 -14.33
C TYR B 28 -3.16 -5.48 -15.44
N GLU B 29 -2.71 -5.56 -16.69
CA GLU B 29 -3.64 -5.81 -17.81
C GLU B 29 -4.39 -7.14 -17.61
N SER B 31 -5.12 -8.53 -14.87
CA SER B 31 -6.01 -8.50 -13.69
C SER B 31 -7.46 -8.25 -14.03
N HIS B 32 -7.74 -7.55 -15.12
CA HIS B 32 -9.12 -7.24 -15.48
C HIS B 32 -9.95 -8.46 -15.84
N ASP B 33 -9.31 -9.60 -16.08
CA ASP B 33 -10.04 -10.80 -16.49
C ASP B 33 -10.07 -11.90 -15.42
N VAL B 34 -9.69 -11.56 -14.19
CA VAL B 34 -9.66 -12.55 -13.11
C VAL B 34 -10.95 -12.60 -12.30
N PRO B 35 -11.63 -13.75 -12.31
CA PRO B 35 -12.86 -13.88 -11.56
C PRO B 35 -12.69 -13.58 -10.06
N GLY B 36 -13.68 -12.92 -9.48
CA GLY B 36 -13.67 -12.60 -8.06
C GLY B 36 -12.87 -11.37 -7.65
N LEU B 37 -11.93 -10.96 -8.48
CA LEU B 37 -11.12 -9.80 -8.23
C LEU B 37 -11.84 -8.57 -8.75
N HIS B 38 -12.12 -7.60 -7.89
CA HIS B 38 -12.82 -6.39 -8.26
C HIS B 38 -11.91 -5.34 -8.90
N LYS B 39 -10.70 -5.20 -8.37
CA LYS B 39 -9.77 -4.20 -8.83
C LYS B 39 -8.38 -4.60 -8.39
N TYR B 40 -7.40 -4.22 -9.19
CA TYR B 40 -6.00 -4.44 -8.88
C TYR B 40 -5.23 -3.19 -9.22
N GLU B 41 -4.18 -2.94 -8.47
CA GLU B 41 -3.32 -1.79 -8.73
C GLU B 41 -1.90 -2.20 -8.42
N VAL B 42 -0.95 -1.76 -9.24
CA VAL B 42 0.44 -2.03 -9.00
C VAL B 42 1.18 -0.74 -9.32
N ARG B 43 2.05 -0.35 -8.40
CA ARG B 43 2.84 0.86 -8.56
CA ARG B 43 2.84 0.87 -8.52
C ARG B 43 4.29 0.54 -8.24
N LEU B 44 5.20 1.21 -8.94
CA LEU B 44 6.63 1.04 -8.72
C LEU B 44 7.02 1.91 -7.55
N VAL B 45 8.06 1.51 -6.82
CA VAL B 45 8.60 2.33 -5.76
C VAL B 45 9.70 3.16 -6.42
N ALA B 46 9.51 4.48 -6.44
CA ALA B 46 10.44 5.39 -7.10
C ALA B 46 11.52 5.77 -6.13
N GLU B 47 11.12 6.00 -4.88
CA GLU B 47 12.04 6.35 -3.82
C GLU B 47 11.62 5.62 -2.54
N GLN B 48 12.62 5.10 -1.82
CA GLN B 48 12.39 4.39 -0.56
C GLN B 48 12.85 5.24 0.60
N PRO B 49 12.46 4.87 1.84
CA PRO B 49 12.92 5.58 3.02
C PRO B 49 14.32 5.16 3.49
N HIS B 61 15.00 -3.45 0.20
CA HIS B 61 14.57 -2.79 -1.04
C HIS B 61 13.29 -3.41 -1.65
N VAL B 62 12.25 -2.60 -1.79
CA VAL B 62 10.96 -2.97 -2.35
C VAL B 62 10.90 -2.35 -3.72
N ASP B 63 10.52 -3.12 -4.73
CA ASP B 63 10.47 -2.60 -6.11
C ASP B 63 9.08 -2.16 -6.55
N ALA B 64 8.06 -2.76 -5.97
CA ALA B 64 6.69 -2.35 -6.31
C ALA B 64 5.74 -2.71 -5.23
N ILE B 65 4.60 -2.03 -5.26
CA ILE B 65 3.52 -2.27 -4.34
C ILE B 65 2.30 -2.69 -5.13
N GLY B 66 1.75 -3.84 -4.83
CA GLY B 66 0.52 -4.33 -5.48
C GLY B 66 -0.62 -4.35 -4.50
N GLU B 67 -1.84 -4.15 -4.99
CA GLU B 67 -3.00 -4.19 -4.13
C GLU B 67 -4.23 -4.80 -4.81
N CYS B 68 -4.88 -5.74 -4.11
CA CYS B 68 -6.10 -6.40 -4.57
C CYS B 68 -7.34 -6.03 -3.76
N TRP B 69 -8.46 -5.82 -4.45
CA TRP B 69 -9.75 -5.54 -3.82
C TRP B 69 -10.73 -6.65 -4.19
N PHE B 70 -11.49 -7.13 -3.22
CA PHE B 70 -12.52 -8.15 -3.41
C PHE B 70 -13.77 -7.62 -2.74
N LYS B 71 -14.92 -7.69 -3.41
CA LYS B 71 -16.16 -7.11 -2.85
C LYS B 71 -16.61 -7.73 -1.53
N ASP B 72 -16.39 -9.03 -1.37
CA ASP B 72 -16.79 -9.77 -0.18
C ASP B 72 -16.11 -11.13 -0.12
N ASP B 73 -16.39 -11.89 0.93
CA ASP B 73 -15.85 -13.24 1.13
C ASP B 73 -16.14 -14.17 -0.04
N ALA B 74 -17.35 -14.10 -0.59
CA ALA B 74 -17.76 -14.98 -1.71
C ALA B 74 -16.91 -14.71 -2.94
N ALA B 75 -16.67 -13.43 -3.23
CA ALA B 75 -15.83 -13.03 -4.34
C ALA B 75 -14.41 -13.58 -4.14
N TYR B 76 -13.90 -13.47 -2.92
CA TYR B 76 -12.58 -14.00 -2.61
C TYR B 76 -12.57 -15.53 -2.74
N ALA B 77 -13.68 -16.17 -2.37
CA ALA B 77 -13.82 -17.62 -2.52
C ALA B 77 -13.80 -18.00 -4.00
N THR B 78 -14.49 -17.21 -4.83
CA THR B 78 -14.55 -17.45 -6.27
C THR B 78 -13.14 -17.32 -6.87
N TYR B 79 -12.46 -16.24 -6.52
CA TYR B 79 -11.09 -15.99 -6.91
C TYR B 79 -10.14 -17.10 -6.52
N ALA B 81 -10.86 -20.19 -5.96
CA ALA B 81 -11.19 -21.42 -6.67
C ALA B 81 -10.95 -21.36 -8.17
N SER B 82 -10.61 -20.19 -8.70
CA SER B 82 -10.43 -20.00 -10.14
C SER B 82 -9.11 -20.45 -10.76
N ASP B 83 -9.20 -21.21 -11.86
CA ASP B 83 -8.03 -21.61 -12.65
C ASP B 83 -7.41 -20.41 -13.33
N ILE B 84 -8.24 -19.41 -13.62
CA ILE B 84 -7.78 -18.18 -14.26
C ILE B 84 -6.90 -17.44 -13.26
N ARG B 85 -7.34 -17.35 -12.02
CA ARG B 85 -6.52 -16.76 -10.99
C ARG B 85 -5.19 -17.53 -10.87
N LYS B 86 -5.24 -18.85 -10.85
CA LYS B 86 -4.03 -19.65 -10.75
C LYS B 86 -3.03 -19.29 -11.87
N ALA B 87 -3.52 -19.12 -13.10
CA ALA B 87 -2.67 -18.70 -14.23
C ALA B 87 -2.08 -17.31 -14.01
N TRP B 88 -2.87 -16.43 -13.41
CA TRP B 88 -2.43 -15.07 -13.11
C TRP B 88 -1.27 -15.17 -12.13
N PHE B 89 -1.44 -15.97 -11.10
CA PHE B 89 -0.38 -16.22 -10.12
C PHE B 89 0.86 -16.82 -10.81
N GLU B 90 0.69 -17.76 -11.75
CA GLU B 90 1.85 -18.27 -12.46
C GLU B 90 2.57 -17.11 -13.17
N HIS B 91 1.84 -16.16 -13.74
CA HIS B 91 2.50 -15.02 -14.34
C HIS B 91 3.28 -14.24 -13.28
N GLY B 92 2.66 -14.01 -12.13
CA GLY B 92 3.33 -13.37 -11.00
C GLY B 92 4.69 -13.99 -10.71
N LYS B 93 4.80 -15.32 -10.79
CA LYS B 93 6.09 -15.98 -10.53
C LYS B 93 7.15 -15.56 -11.54
N THR B 94 6.73 -15.05 -12.69
CA THR B 94 7.67 -14.58 -13.73
C THR B 94 8.45 -13.32 -13.31
N PHE B 95 7.82 -12.40 -12.60
CA PHE B 95 8.45 -11.13 -12.27
C PHE B 95 8.50 -10.76 -10.78
N ILE B 96 8.04 -11.64 -9.89
CA ILE B 96 8.09 -11.38 -8.45
C ILE B 96 9.05 -12.41 -7.82
N GLY B 97 10.22 -11.95 -7.39
CA GLY B 97 11.21 -12.82 -6.73
C GLY B 97 10.81 -13.08 -5.28
N GLN B 98 10.39 -12.01 -4.59
CA GLN B 98 9.94 -12.13 -3.21
C GLN B 98 8.73 -11.23 -3.00
N LEU B 99 7.93 -11.58 -1.99
CA LEU B 99 6.66 -10.92 -1.75
C LEU B 99 6.29 -10.92 -0.25
N LYS B 100 5.68 -9.83 0.21
CA LYS B 100 5.21 -9.71 1.60
C LYS B 100 3.76 -9.29 1.49
N PRO B 101 2.82 -10.18 1.85
CA PRO B 101 1.42 -9.86 1.75
C PRO B 101 0.84 -9.36 3.10
N PHE B 102 -0.18 -8.52 3.02
CA PHE B 102 -0.84 -7.96 4.20
C PHE B 102 -2.31 -7.88 3.96
N ARG B 103 -3.13 -8.24 4.94
CA ARG B 103 -4.56 -7.99 4.79
CA ARG B 103 -4.56 -8.05 4.86
C ARG B 103 -4.78 -6.73 5.60
N THR B 104 -5.50 -5.79 5.03
CA THR B 104 -5.71 -4.52 5.73
C THR B 104 -7.13 -4.41 6.22
N ALA B 105 -7.34 -3.51 7.17
CA ALA B 105 -8.66 -3.25 7.70
C ALA B 105 -8.80 -1.77 7.87
N PRO B 106 -10.06 -1.27 7.91
CA PRO B 106 -10.26 0.15 8.22
C PRO B 106 -10.03 0.44 9.67
N VAL B 107 -9.61 1.67 9.99
CA VAL B 107 -9.43 2.06 11.40
C VAL B 107 -10.73 2.45 12.09
N ALA B 108 -11.83 2.52 11.34
CA ALA B 108 -13.12 2.84 11.92
C ALA B 108 -13.88 1.54 12.06
#